data_4U7I
#
_entry.id   4U7I
#
_cell.length_a   46.257
_cell.length_b   46.257
_cell.length_c   115.620
_cell.angle_alpha   90.00
_cell.angle_beta   90.00
_cell.angle_gamma   90.00
#
_symmetry.space_group_name_H-M   'P 43 21 2'
#
loop_
_entity.id
_entity.type
_entity.pdbx_description
1 polymer Spartin
2 polymer 'IST1 homolog'
3 water water
#
loop_
_entity_poly.entity_id
_entity_poly.type
_entity_poly.pdbx_seq_one_letter_code
_entity_poly.pdbx_strand_id
1 'polypeptide(L)'
;SGEPAEIKIIREAYKKAFLFVNKGLNTDELGQKEEAKNYYKQGIGHLLRGISISSKESEHTGPGWESARQMQQKMKETLQ
NVRTRLEILEKGLAT
;
A
2 'polypeptide(L)' STSASEDIDFDDLSRRFEELKKKTW B
#
# COMPACT_ATOMS: atom_id res chain seq x y z
N GLU A 3 -1.84 5.48 -21.22
CA GLU A 3 -1.03 5.83 -22.38
C GLU A 3 0.34 6.38 -21.98
N PRO A 4 0.40 7.27 -20.96
CA PRO A 4 1.74 7.58 -20.48
C PRO A 4 2.34 6.41 -19.71
N ALA A 5 3.64 6.21 -19.85
CA ALA A 5 4.33 5.09 -19.20
C ALA A 5 4.45 5.29 -17.69
N GLU A 6 4.45 6.55 -17.24
CA GLU A 6 4.55 6.82 -15.83
C GLU A 6 3.27 6.38 -15.13
N ILE A 7 2.15 6.46 -15.84
CA ILE A 7 0.87 6.06 -15.24
C ILE A 7 0.80 4.54 -15.09
N LYS A 8 1.31 3.78 -16.07
CA LYS A 8 1.23 2.33 -15.91
C LYS A 8 2.12 1.87 -14.75
N ILE A 9 3.26 2.52 -14.55
CA ILE A 9 4.10 2.23 -13.39
C ILE A 9 3.32 2.43 -12.09
N ILE A 10 2.61 3.55 -12.00
CA ILE A 10 1.80 3.81 -10.82
C ILE A 10 0.72 2.74 -10.68
N ARG A 11 0.06 2.43 -11.78
CA ARG A 11 -1.03 1.45 -11.73
C ARG A 11 -0.52 0.08 -11.33
N GLU A 12 0.63 -0.33 -11.87
CA GLU A 12 1.19 -1.64 -11.55
C GLU A 12 1.56 -1.71 -10.07
N ALA A 13 2.14 -0.62 -9.56
CA ALA A 13 2.54 -0.56 -8.16
C ALA A 13 1.34 -0.64 -7.24
N TYR A 14 0.27 0.04 -7.63
CA TYR A 14 -0.99 0.05 -6.90
C TYR A 14 -1.56 -1.36 -6.74
N LYS A 15 -1.61 -2.08 -7.86
CA LYS A 15 -2.16 -3.44 -7.87
C LYS A 15 -1.30 -4.42 -7.07
N LYS A 16 0.01 -4.36 -7.29
CA LYS A 16 0.93 -5.25 -6.58
C LYS A 16 0.97 -4.92 -5.09
N ALA A 17 0.97 -3.63 -4.76
CA ALA A 17 0.99 -3.27 -3.35
C ALA A 17 -0.24 -3.83 -2.66
N PHE A 18 -1.40 -3.69 -3.31
CA PHE A 18 -2.62 -4.20 -2.68
C PHE A 18 -2.55 -5.70 -2.49
N LEU A 19 -2.05 -6.39 -3.51
CA LEU A 19 -1.90 -7.84 -3.45
C LEU A 19 -1.09 -8.24 -2.19
N PHE A 20 0.07 -7.61 -2.01
CA PHE A 20 0.94 -8.00 -0.90
C PHE A 20 0.46 -7.51 0.46
N VAL A 21 -0.10 -6.30 0.52
CA VAL A 21 -0.58 -5.80 1.79
C VAL A 21 -1.80 -6.62 2.24
N ASN A 22 -2.63 -7.03 1.28
CA ASN A 22 -3.76 -7.89 1.60
C ASN A 22 -3.29 -9.26 2.11
N LYS A 23 -2.28 -9.83 1.47
CA LYS A 23 -1.72 -11.10 1.95
C LYS A 23 -1.16 -10.89 3.37
N GLY A 24 -0.48 -9.78 3.57
CA GLY A 24 0.06 -9.47 4.87
C GLY A 24 -1.03 -9.40 5.92
N LEU A 25 -2.10 -8.68 5.61
CA LEU A 25 -3.22 -8.56 6.58
C LEU A 25 -3.90 -9.91 6.82
N ASN A 26 -4.09 -10.70 5.77
CA ASN A 26 -4.66 -12.04 5.96
C ASN A 26 -3.84 -12.86 6.94
N THR A 27 -2.52 -12.87 6.75
CA THR A 27 -1.66 -13.72 7.59
C THR A 27 -1.53 -13.13 8.98
N ASP A 28 -1.54 -11.82 9.06
CA ASP A 28 -1.51 -11.13 10.35
C ASP A 28 -2.75 -11.48 11.18
N GLU A 29 -3.91 -11.44 10.55
CA GLU A 29 -5.14 -11.77 11.25
C GLU A 29 -5.13 -13.22 11.73
N LEU A 30 -4.44 -14.09 10.99
CA LEU A 30 -4.38 -15.50 11.32
C LEU A 30 -3.26 -15.79 12.32
N GLY A 31 -2.53 -14.75 12.68
CA GLY A 31 -1.46 -14.85 13.68
C GLY A 31 -0.13 -15.33 13.14
N GLN A 32 0.01 -15.34 11.82
CA GLN A 32 1.25 -15.79 11.18
C GLN A 32 2.18 -14.58 11.00
N LYS A 33 2.82 -14.16 12.09
CA LYS A 33 3.49 -12.87 12.11
C LYS A 33 4.76 -12.81 11.27
N GLU A 34 5.48 -13.91 11.16
CA GLU A 34 6.65 -13.92 10.31
C GLU A 34 6.26 -13.77 8.84
N GLU A 35 5.21 -14.49 8.43
CA GLU A 35 4.69 -14.39 7.08
C GLU A 35 4.20 -12.98 6.80
N ALA A 36 3.49 -12.43 7.77
CA ALA A 36 2.95 -11.09 7.60
C ALA A 36 4.05 -10.08 7.35
N LYS A 37 5.12 -10.14 8.13
CA LYS A 37 6.20 -9.16 8.00
C LYS A 37 6.79 -9.25 6.60
N ASN A 38 6.89 -10.47 6.08
CA ASN A 38 7.41 -10.71 4.74
C ASN A 38 6.58 -9.99 3.67
N TYR A 39 5.28 -10.19 3.71
CA TYR A 39 4.40 -9.58 2.71
C TYR A 39 4.37 -8.08 2.88
N TYR A 40 4.35 -7.61 4.13
CA TYR A 40 4.31 -6.19 4.37
C TYR A 40 5.53 -5.51 3.77
N LYS A 41 6.70 -6.11 3.95
CA LYS A 41 7.92 -5.50 3.40
C LYS A 41 7.86 -5.49 1.87
N GLN A 42 7.29 -6.53 1.28
CA GLN A 42 7.16 -6.52 -0.18
C GLN A 42 6.19 -5.43 -0.59
N GLY A 43 5.11 -5.28 0.17
CA GLY A 43 4.13 -4.25 -0.14
C GLY A 43 4.75 -2.86 -0.06
N ILE A 44 5.55 -2.62 0.97
CA ILE A 44 6.23 -1.33 1.12
C ILE A 44 7.06 -0.99 -0.12
N GLY A 45 7.76 -1.98 -0.68
CA GLY A 45 8.57 -1.74 -1.87
C GLY A 45 7.73 -1.23 -3.02
N HIS A 46 6.59 -1.89 -3.25
CA HIS A 46 5.71 -1.47 -4.34
C HIS A 46 5.08 -0.12 -4.04
N LEU A 47 4.69 0.12 -2.79
CA LEU A 47 4.05 1.40 -2.45
C LEU A 47 5.03 2.54 -2.70
N LEU A 48 6.26 2.36 -2.24
CA LEU A 48 7.28 3.39 -2.39
C LEU A 48 7.49 3.76 -3.85
N ARG A 49 7.53 2.74 -4.71
CA ARG A 49 7.78 3.00 -6.12
C ARG A 49 6.65 3.79 -6.76
N GLY A 50 5.42 3.38 -6.49
CA GLY A 50 4.25 4.05 -7.05
C GLY A 50 4.17 5.50 -6.59
N ILE A 51 4.49 5.74 -5.33
CA ILE A 51 4.41 7.08 -4.74
C ILE A 51 5.51 7.97 -5.32
N SER A 52 6.62 7.38 -5.73
CA SER A 52 7.79 8.15 -6.16
C SER A 52 7.62 8.83 -7.52
N ILE A 53 6.60 8.42 -8.28
CA ILE A 53 6.43 8.94 -9.64
C ILE A 53 5.87 10.35 -9.63
N SER A 54 6.59 11.31 -10.23
CA SER A 54 6.13 12.69 -10.33
C SER A 54 4.79 12.73 -11.05
N SER A 55 3.80 13.40 -10.47
CA SER A 55 2.45 13.36 -11.04
C SER A 55 1.69 14.69 -10.97
N LYS A 56 2.40 15.78 -10.69
CA LYS A 56 1.78 17.11 -10.65
C LYS A 56 2.35 18.11 -11.67
N GLU A 57 3.04 17.63 -12.70
CA GLU A 57 3.66 18.53 -13.66
C GLU A 57 2.66 19.01 -14.72
N SER A 58 3.11 19.93 -15.58
CA SER A 58 2.24 20.59 -16.54
C SER A 58 1.56 19.63 -17.50
N GLU A 59 2.28 18.62 -17.96
CA GLU A 59 1.73 17.66 -18.90
C GLU A 59 0.83 16.64 -18.21
N HIS A 60 0.86 16.61 -16.88
CA HIS A 60 0.10 15.59 -16.13
C HIS A 60 -1.35 16.00 -15.95
N THR A 61 -2.06 16.11 -17.06
CA THR A 61 -3.46 16.49 -17.04
C THR A 61 -4.32 15.36 -17.59
N GLY A 62 -5.62 15.42 -17.31
CA GLY A 62 -6.55 14.44 -17.82
C GLY A 62 -6.94 13.38 -16.81
N PRO A 63 -8.06 12.70 -17.07
CA PRO A 63 -8.61 11.68 -16.17
C PRO A 63 -7.61 10.58 -15.79
N GLY A 64 -6.72 10.21 -16.70
CA GLY A 64 -5.70 9.22 -16.38
C GLY A 64 -4.73 9.67 -15.30
N TRP A 65 -4.21 10.88 -15.44
CA TRP A 65 -3.31 11.42 -14.41
C TRP A 65 -4.05 11.69 -13.11
N GLU A 66 -5.30 12.13 -13.22
CA GLU A 66 -6.10 12.37 -12.02
C GLU A 66 -6.28 11.05 -11.28
N SER A 67 -6.57 10.00 -12.03
CA SER A 67 -6.73 8.68 -11.46
C SER A 67 -5.42 8.21 -10.83
N ALA A 68 -4.31 8.52 -11.47
CA ALA A 68 -3.00 8.12 -10.96
C ALA A 68 -2.69 8.84 -9.65
N ARG A 69 -2.99 10.12 -9.61
CA ARG A 69 -2.76 10.86 -8.36
C ARG A 69 -3.57 10.24 -7.24
N GLN A 70 -4.82 9.87 -7.54
CA GLN A 70 -5.68 9.33 -6.47
C GLN A 70 -5.15 7.97 -6.02
N MET A 71 -4.59 7.21 -6.94
CA MET A 71 -3.93 5.97 -6.58
C MET A 71 -2.78 6.23 -5.62
N GLN A 72 -2.01 7.28 -5.90
CA GLN A 72 -0.87 7.58 -5.05
C GLN A 72 -1.34 8.08 -3.68
N GLN A 73 -2.46 8.79 -3.65
CA GLN A 73 -3.05 9.20 -2.37
C GLN A 73 -3.31 7.97 -1.51
N LYS A 74 -3.95 6.98 -2.11
CA LYS A 74 -4.30 5.74 -1.41
C LYS A 74 -3.04 5.03 -0.95
N MET A 75 -2.04 5.00 -1.81
CA MET A 75 -0.81 4.30 -1.50
C MET A 75 -0.06 4.98 -0.36
N LYS A 76 -0.08 6.30 -0.29
CA LYS A 76 0.62 6.98 0.81
C LYS A 76 -0.02 6.67 2.15
N GLU A 77 -1.36 6.61 2.16
CA GLU A 77 -2.08 6.31 3.38
C GLU A 77 -1.77 4.90 3.86
N THR A 78 -1.78 3.96 2.93
CA THR A 78 -1.51 2.58 3.27
C THR A 78 -0.07 2.38 3.66
N LEU A 79 0.84 3.09 3.00
CA LEU A 79 2.26 2.98 3.34
C LEU A 79 2.47 3.36 4.81
N GLN A 80 1.80 4.41 5.26
CA GLN A 80 1.87 4.80 6.66
C GLN A 80 1.38 3.66 7.57
N ASN A 81 0.22 3.10 7.24
CA ASN A 81 -0.34 2.02 8.06
C ASN A 81 0.53 0.76 8.09
N VAL A 82 1.05 0.37 6.92
CA VAL A 82 1.91 -0.83 6.85
C VAL A 82 3.19 -0.61 7.62
N ARG A 83 3.78 0.57 7.50
CA ARG A 83 5.03 0.84 8.19
C ARG A 83 4.84 0.80 9.71
N THR A 84 3.70 1.29 10.16
CA THR A 84 3.38 1.24 11.60
C THR A 84 3.24 -0.20 12.07
N ARG A 85 2.44 -0.99 11.35
CA ARG A 85 2.21 -2.38 11.75
C ARG A 85 3.51 -3.18 11.70
N LEU A 86 4.32 -2.91 10.68
CA LEU A 86 5.59 -3.62 10.55
C LEU A 86 6.50 -3.36 11.74
N GLU A 87 6.58 -2.10 12.17
CA GLU A 87 7.48 -1.76 13.26
C GLU A 87 6.96 -2.40 14.54
N ILE A 88 5.63 -2.44 14.67
CA ILE A 88 5.00 -3.05 15.83
C ILE A 88 5.32 -4.53 15.90
N LEU A 89 5.21 -5.22 14.76
CA LEU A 89 5.53 -6.64 14.72
C LEU A 89 7.01 -6.93 14.93
N GLU A 90 7.86 -6.07 14.39
CA GLU A 90 9.29 -6.29 14.48
C GLU A 90 9.73 -6.15 15.93
N LYS A 91 9.08 -5.24 16.65
CA LYS A 91 9.44 -4.99 18.04
C LYS A 91 8.63 -5.86 19.02
N GLY A 92 7.82 -6.75 18.47
CA GLY A 92 7.10 -7.73 19.24
C GLY A 92 6.07 -7.13 20.17
N LEU A 93 5.39 -6.09 19.69
CA LEU A 93 4.47 -5.33 20.52
C LEU A 93 3.03 -5.51 20.07
N ALA A 94 2.77 -6.56 19.28
CA ALA A 94 1.42 -6.81 18.78
C ALA A 94 0.46 -7.25 19.89
N THR A 95 -0.66 -6.55 20.02
CA THR A 95 -1.64 -6.89 21.05
C THR A 95 -2.34 -8.20 20.71
N ASP B 7 -11.94 -4.64 -8.28
CA ASP B 7 -12.56 -4.10 -7.07
C ASP B 7 -11.54 -3.95 -5.94
N ILE B 8 -10.39 -3.34 -6.25
CA ILE B 8 -9.38 -3.05 -5.25
C ILE B 8 -9.81 -1.86 -4.39
N ASP B 9 -9.77 -2.05 -3.07
CA ASP B 9 -10.24 -1.02 -2.17
C ASP B 9 -9.23 -0.80 -1.07
N PHE B 10 -8.36 0.18 -1.24
CA PHE B 10 -7.35 0.45 -0.23
C PHE B 10 -7.95 0.93 1.08
N ASP B 11 -9.13 1.57 1.02
CA ASP B 11 -9.79 2.01 2.24
C ASP B 11 -10.06 0.85 3.18
N ASP B 12 -10.36 -0.30 2.60
CA ASP B 12 -10.65 -1.49 3.39
C ASP B 12 -9.41 -1.95 4.15
N LEU B 13 -8.25 -1.77 3.54
CA LEU B 13 -7.00 -2.13 4.19
C LEU B 13 -6.82 -1.32 5.47
N SER B 14 -7.03 -0.01 5.37
CA SER B 14 -6.89 0.88 6.52
C SER B 14 -7.77 0.43 7.67
N ARG B 15 -8.97 -0.02 7.35
CA ARG B 15 -9.93 -0.46 8.35
C ARG B 15 -9.38 -1.67 9.10
N ARG B 16 -8.75 -2.57 8.34
CA ARG B 16 -8.23 -3.80 8.93
C ARG B 16 -7.00 -3.54 9.80
N PHE B 17 -6.18 -2.56 9.43
CA PHE B 17 -5.06 -2.17 10.29
C PHE B 17 -5.52 -1.59 11.61
N GLU B 18 -6.56 -0.76 11.54
CA GLU B 18 -7.12 -0.18 12.75
C GLU B 18 -7.60 -1.29 13.67
N GLU B 19 -8.23 -2.30 13.10
CA GLU B 19 -8.78 -3.39 13.91
C GLU B 19 -7.69 -4.21 14.60
N LEU B 20 -6.52 -4.27 13.98
CA LEU B 20 -5.44 -5.08 14.52
C LEU B 20 -4.86 -4.45 15.79
N LYS B 21 -5.12 -3.16 15.96
CA LYS B 21 -4.65 -2.45 17.14
C LYS B 21 -5.44 -2.78 18.40
N LYS B 22 -6.75 -2.99 18.21
CA LYS B 22 -7.71 -3.14 19.30
C LYS B 22 -7.19 -3.89 20.52
#